data_4IJL
#
_entry.id   4IJL
#
_cell.length_a   37.551
_cell.length_b   53.569
_cell.length_c   54.259
_cell.angle_alpha   90.00
_cell.angle_beta   90.00
_cell.angle_gamma   90.00
#
_symmetry.space_group_name_H-M   'P 21 21 21'
#
loop_
_entity.id
_entity.type
_entity.pdbx_description
1 polymer 'Replication protein A 70 kDa DNA-binding subunit'
2 non-polymer '{[5-(3-chloro-1-benzothiophen-2-yl)-4-phenyl-4H-1,2,4-triazol-3-yl]sulfanyl}acetic acid'
3 water water
#
_entity_poly.entity_id   1
_entity_poly.type   'polypeptide(L)'
_entity_poly.pdbx_seq_one_letter_code
;GSHMVGQLSRGAIAAIMQKGDTNIKPILQVINIRPITTGNSPPRYRLLMSDGLNTLSSFMLATQLNPLVEEEQLSSNCVC
QIHRFIVNTLKDGRRVVILMELEVLKSAEAVGVKIGNPVPYNE
;
_entity_poly.pdbx_strand_id   A
#
loop_
_chem_comp.id
_chem_comp.type
_chem_comp.name
_chem_comp.formula
1EK non-polymer '{[5-(3-chloro-1-benzothiophen-2-yl)-4-phenyl-4H-1,2,4-triazol-3-yl]sulfanyl}acetic acid' 'C18 H12 Cl N3 O2 S2'
#
# COMPACT_ATOMS: atom_id res chain seq x y z
N SER A 2 -6.03 -15.02 15.54
CA SER A 2 -5.05 -16.02 15.11
C SER A 2 -5.04 -16.06 13.60
N HIS A 3 -4.06 -16.79 13.03
CA HIS A 3 -3.90 -16.86 11.58
C HIS A 3 -3.88 -15.44 11.03
N MET A 4 -2.95 -14.60 11.48
CA MET A 4 -3.02 -13.18 11.11
C MET A 4 -2.97 -12.98 9.61
N VAL A 5 -2.26 -13.86 8.91
CA VAL A 5 -2.14 -13.67 7.47
C VAL A 5 -3.49 -13.75 6.76
N GLY A 6 -4.49 -14.41 7.41
CA GLY A 6 -5.81 -14.53 6.80
C GLY A 6 -6.61 -13.22 6.84
N GLN A 7 -6.01 -12.21 7.47
CA GLN A 7 -6.59 -10.87 7.48
C GLN A 7 -6.23 -10.12 6.21
N LEU A 8 -5.27 -10.62 5.43
CA LEU A 8 -4.79 -9.84 4.28
C LEU A 8 -5.19 -10.50 2.96
N SER A 9 -5.33 -9.71 1.90
CA SER A 9 -5.74 -10.23 0.59
C SER A 9 -4.59 -10.91 -0.14
N ARG A 10 -4.17 -12.07 0.34
CA ARG A 10 -3.07 -12.80 -0.30
C ARG A 10 -3.27 -13.02 -1.78
N GLY A 11 -2.27 -12.60 -2.56
CA GLY A 11 -2.36 -12.70 -4.01
C GLY A 11 -2.77 -11.42 -4.71
N ALA A 12 -3.30 -10.44 -3.97
CA ALA A 12 -3.69 -9.18 -4.60
C ALA A 12 -2.55 -8.44 -5.29
N ILE A 13 -1.34 -8.54 -4.75
CA ILE A 13 -0.26 -7.77 -5.36
C ILE A 13 0.04 -8.35 -6.74
N ALA A 14 0.15 -9.68 -6.82
CA ALA A 14 0.36 -10.27 -8.14
C ALA A 14 -0.78 -9.96 -9.10
N ALA A 15 -2.00 -9.87 -8.60
CA ALA A 15 -3.17 -9.64 -9.46
C ALA A 15 -3.14 -8.20 -10.00
N ILE A 16 -2.78 -7.26 -9.15
CA ILE A 16 -2.72 -5.86 -9.53
C ILE A 16 -1.61 -5.71 -10.53
N MET A 17 -0.48 -6.36 -10.29
CA MET A 17 0.67 -6.11 -11.16
C MET A 17 0.61 -6.85 -12.48
N GLN A 18 -0.14 -7.95 -12.52
CA GLN A 18 -0.18 -8.76 -13.74
C GLN A 18 -1.48 -8.65 -14.51
N LYS A 19 -2.61 -8.81 -13.83
CA LYS A 19 -3.90 -8.76 -14.50
C LYS A 19 -4.36 -7.33 -14.64
N GLY A 20 -3.90 -6.49 -13.72
CA GLY A 20 -4.25 -5.08 -13.73
C GLY A 20 -5.72 -4.81 -13.45
N ASP A 21 -6.41 -5.80 -12.88
CA ASP A 21 -7.79 -5.61 -12.46
C ASP A 21 -7.88 -4.55 -11.37
N THR A 22 -8.70 -3.54 -11.56
CA THR A 22 -8.86 -2.50 -10.54
C THR A 22 -10.19 -2.58 -9.80
N ASN A 23 -10.96 -3.63 -10.08
CA ASN A 23 -12.26 -3.81 -9.45
C ASN A 23 -12.13 -4.38 -8.02
N ILE A 24 -10.96 -4.89 -7.69
CA ILE A 24 -10.75 -5.52 -6.39
C ILE A 24 -10.58 -4.44 -5.31
N LYS A 25 -10.87 -4.78 -4.07
CA LYS A 25 -10.74 -3.82 -2.96
C LYS A 25 -9.88 -4.50 -1.91
N PRO A 26 -8.61 -4.72 -2.24
CA PRO A 26 -7.76 -5.59 -1.43
C PRO A 26 -7.40 -5.00 -0.08
N ILE A 27 -7.25 -5.89 0.90
CA ILE A 27 -6.81 -5.50 2.24
C ILE A 27 -5.30 -5.77 2.34
N LEU A 28 -4.53 -4.71 2.56
CA LEU A 28 -3.07 -4.79 2.56
C LEU A 28 -2.53 -4.22 3.85
N GLN A 29 -1.32 -4.63 4.20
CA GLN A 29 -0.67 -4.03 5.37
C GLN A 29 0.38 -3.03 4.89
N VAL A 30 0.43 -1.87 5.52
CA VAL A 30 1.55 -0.91 5.32
C VAL A 30 2.77 -1.42 6.07
N ILE A 31 3.88 -1.60 5.34
CA ILE A 31 5.12 -2.00 6.00
C ILE A 31 5.99 -0.77 6.30
N ASN A 32 6.09 0.13 5.33
CA ASN A 32 6.85 1.35 5.57
C ASN A 32 6.32 2.47 4.71
N ILE A 33 6.56 3.71 5.13
CA ILE A 33 6.08 4.88 4.38
C ILE A 33 7.22 5.87 4.37
N ARG A 34 7.52 6.43 3.21
CA ARG A 34 8.52 7.47 3.21
C ARG A 34 8.15 8.58 2.24
N PRO A 35 8.53 9.80 2.56
CA PRO A 35 8.29 10.89 1.63
C PRO A 35 9.27 10.74 0.48
N ILE A 36 8.87 11.15 -0.71
CA ILE A 36 9.82 11.16 -1.80
C ILE A 36 10.10 12.61 -2.12
N THR A 37 11.25 12.85 -2.73
CA THR A 37 11.63 14.22 -3.01
C THR A 37 10.78 14.78 -4.12
N THR A 38 10.14 15.91 -3.83
CA THR A 38 9.39 16.64 -4.81
C THR A 38 10.10 17.98 -4.78
N GLY A 39 10.17 18.69 -5.90
CA GLY A 39 10.85 19.96 -5.91
C GLY A 39 10.21 20.91 -4.90
N ASN A 40 9.17 21.57 -5.37
CA ASN A 40 8.42 22.53 -4.56
C ASN A 40 6.95 22.17 -4.63
N SER A 41 6.69 20.94 -5.10
CA SER A 41 5.36 20.38 -5.13
C SER A 41 5.04 19.95 -3.70
N PRO A 42 3.75 19.71 -3.37
CA PRO A 42 3.45 19.24 -2.02
C PRO A 42 4.08 17.88 -1.82
N PRO A 43 4.24 17.45 -0.56
CA PRO A 43 4.94 16.20 -0.30
C PRO A 43 4.24 15.05 -0.99
N ARG A 44 4.97 13.99 -1.29
CA ARG A 44 4.41 12.80 -1.88
C ARG A 44 4.92 11.62 -1.04
N TYR A 45 4.07 10.65 -0.73
CA TYR A 45 4.50 9.47 0.01
C TYR A 45 4.51 8.17 -0.82
N ARG A 46 5.61 7.43 -0.67
CA ARG A 46 5.78 6.12 -1.26
C ARG A 46 5.55 5.09 -0.16
N LEU A 47 4.80 4.03 -0.49
CA LEU A 47 4.52 3.00 0.50
C LEU A 47 5.05 1.62 0.10
N LEU A 48 5.61 0.91 1.08
CA LEU A 48 5.90 -0.49 0.91
C LEU A 48 4.75 -1.23 1.54
N MET A 49 3.98 -1.95 0.72
CA MET A 49 2.77 -2.68 1.15
CA MET A 49 2.82 -2.67 1.23
C MET A 49 2.92 -4.16 1.03
N SER A 50 2.14 -4.88 1.83
CA SER A 50 2.21 -6.32 1.84
C SER A 50 0.80 -6.89 1.71
N ASP A 51 0.65 -7.96 0.94
CA ASP A 51 -0.61 -8.69 0.93
C ASP A 51 -0.53 -10.00 1.71
N GLY A 52 0.51 -10.17 2.53
CA GLY A 52 0.74 -11.41 3.27
C GLY A 52 1.70 -12.38 2.56
N LEU A 53 1.72 -12.32 1.23
CA LEU A 53 2.57 -13.20 0.42
C LEU A 53 3.76 -12.45 -0.13
N ASN A 54 3.41 -11.29 -0.70
CA ASN A 54 4.41 -10.44 -1.30
C ASN A 54 4.44 -9.05 -0.72
N THR A 55 5.58 -8.39 -0.82
CA THR A 55 5.62 -6.94 -0.65
C THR A 55 5.83 -6.27 -2.01
N LEU A 56 5.48 -4.99 -2.08
CA LEU A 56 5.66 -4.22 -3.28
C LEU A 56 5.94 -2.79 -2.87
N SER A 57 6.96 -2.17 -3.48
CA SER A 57 7.38 -0.87 -2.99
C SER A 57 6.92 0.26 -3.90
N SER A 58 6.11 -0.06 -4.90
CA SER A 58 5.83 0.96 -5.92
C SER A 58 4.44 1.53 -5.78
N PHE A 59 3.96 1.60 -4.55
CA PHE A 59 2.73 2.33 -4.25
C PHE A 59 3.00 3.80 -3.91
N MET A 60 2.16 4.69 -4.45
CA MET A 60 2.22 6.11 -4.11
CA MET A 60 2.21 6.12 -4.12
C MET A 60 0.86 6.53 -3.59
N LEU A 61 0.86 7.38 -2.59
CA LEU A 61 -0.40 7.89 -2.10
C LEU A 61 -0.81 9.12 -2.92
N ALA A 62 -2.09 9.19 -3.32
CA ALA A 62 -2.64 10.42 -3.89
C ALA A 62 -2.49 11.52 -2.85
N THR A 63 -2.17 12.74 -3.30
CA THR A 63 -1.87 13.83 -2.38
C THR A 63 -3.06 14.19 -1.49
N GLN A 64 -4.27 13.91 -1.96
CA GLN A 64 -5.47 14.17 -1.15
C GLN A 64 -5.47 13.31 0.12
N LEU A 65 -4.68 12.24 0.12
CA LEU A 65 -4.65 11.37 1.28
C LEU A 65 -3.47 11.70 2.18
N ASN A 66 -2.66 12.70 1.81
CA ASN A 66 -1.55 13.08 2.72
C ASN A 66 -1.89 13.27 4.22
N PRO A 67 -3.06 13.86 4.53
CA PRO A 67 -3.32 14.06 5.95
C PRO A 67 -3.36 12.75 6.74
N LEU A 68 -3.71 11.63 6.10
CA LEU A 68 -3.72 10.32 6.77
C LEU A 68 -2.34 10.01 7.36
N VAL A 69 -1.33 10.34 6.60
CA VAL A 69 0.05 10.12 7.04
C VAL A 69 0.52 11.18 8.00
N GLU A 70 0.20 12.45 7.70
CA GLU A 70 0.68 13.57 8.49
C GLU A 70 0.04 13.65 9.86
N GLU A 71 -1.16 13.08 10.01
CA GLU A 71 -1.78 13.01 11.35
C GLU A 71 -1.68 11.62 11.96
N GLU A 72 -0.95 10.75 11.27
CA GLU A 72 -0.46 9.47 11.79
C GLU A 72 -1.51 8.41 11.94
N GLN A 73 -2.63 8.54 11.23
CA GLN A 73 -3.61 7.45 11.25
C GLN A 73 -3.16 6.31 10.33
N LEU A 74 -2.29 6.65 9.35
CA LEU A 74 -1.72 5.70 8.39
C LEU A 74 -0.24 5.61 8.62
N SER A 75 0.24 4.48 9.14
CA SER A 75 1.65 4.33 9.51
C SER A 75 2.05 2.86 9.40
N SER A 76 3.35 2.56 9.59
CA SER A 76 3.84 1.19 9.50
CA SER A 76 3.83 1.18 9.47
C SER A 76 3.05 0.26 10.39
N ASN A 77 2.59 -0.85 9.82
CA ASN A 77 1.88 -1.93 10.47
C ASN A 77 0.39 -1.81 10.36
N CYS A 78 -0.13 -0.63 10.02
CA CYS A 78 -1.59 -0.59 9.89
CA CYS A 78 -1.58 -0.49 9.78
C CYS A 78 -2.10 -1.45 8.71
N VAL A 79 -3.34 -1.89 8.85
CA VAL A 79 -3.98 -2.71 7.83
C VAL A 79 -5.05 -1.86 7.21
N CYS A 80 -5.04 -1.75 5.88
CA CYS A 80 -6.02 -0.89 5.23
CA CYS A 80 -5.95 -0.85 5.16
C CYS A 80 -6.69 -1.60 4.07
N GLN A 81 -7.88 -1.15 3.74
CA GLN A 81 -8.54 -1.71 2.55
C GLN A 81 -8.42 -0.64 1.45
N ILE A 82 -7.98 -1.04 0.25
CA ILE A 82 -7.87 -0.06 -0.83
C ILE A 82 -9.18 -0.04 -1.60
N HIS A 83 -9.80 1.12 -1.72
CA HIS A 83 -11.11 1.26 -2.35
C HIS A 83 -11.05 1.80 -3.76
N ARG A 84 -9.99 2.52 -4.07
CA ARG A 84 -9.81 2.99 -5.42
C ARG A 84 -8.33 3.16 -5.67
N PHE A 85 -7.85 2.62 -6.79
CA PHE A 85 -6.44 2.79 -7.14
C PHE A 85 -6.32 2.78 -8.63
N ILE A 86 -5.22 3.33 -9.13
CA ILE A 86 -4.98 3.18 -10.56
C ILE A 86 -3.55 2.74 -10.75
N VAL A 87 -3.30 2.02 -11.84
CA VAL A 87 -1.95 1.56 -12.14
C VAL A 87 -1.46 2.38 -13.30
N ASN A 88 -0.23 2.89 -13.19
CA ASN A 88 0.42 3.57 -14.32
C ASN A 88 1.76 2.95 -14.62
N THR A 89 2.10 2.90 -15.89
CA THR A 89 3.33 2.24 -16.30
C THR A 89 4.26 3.31 -16.83
N LEU A 90 5.49 3.28 -16.36
CA LEU A 90 6.51 4.25 -16.79
C LEU A 90 7.10 3.89 -18.13
N LYS A 91 7.84 4.82 -18.73
CA LYS A 91 8.43 4.54 -20.04
C LYS A 91 9.32 3.32 -20.02
N ASP A 92 9.97 3.09 -18.90
CA ASP A 92 10.94 2.01 -18.83
C ASP A 92 10.30 0.66 -18.53
N GLY A 93 8.98 0.64 -18.32
CA GLY A 93 8.24 -0.59 -18.11
C GLY A 93 7.86 -0.88 -16.67
N ARG A 94 8.42 -0.11 -15.73
CA ARG A 94 8.02 -0.28 -14.34
C ARG A 94 6.60 0.22 -14.08
N ARG A 95 5.91 -0.39 -13.13
CA ARG A 95 4.57 0.06 -12.83
C ARG A 95 4.46 0.63 -11.45
N VAL A 96 3.62 1.64 -11.36
CA VAL A 96 3.40 2.35 -10.10
C VAL A 96 1.90 2.26 -9.79
N VAL A 97 1.56 2.06 -8.54
CA VAL A 97 0.16 1.96 -8.18
C VAL A 97 -0.19 3.17 -7.34
N ILE A 98 -1.15 3.99 -7.77
CA ILE A 98 -1.52 5.19 -7.03
C ILE A 98 -2.77 4.89 -6.22
N LEU A 99 -2.66 5.01 -4.89
CA LEU A 99 -3.76 4.79 -3.95
C LEU A 99 -4.61 6.05 -3.83
N MET A 100 -5.86 5.98 -4.28
CA MET A 100 -6.72 7.15 -4.34
CA MET A 100 -6.70 7.16 -4.32
C MET A 100 -7.70 7.20 -3.16
N GLU A 101 -8.20 6.04 -2.76
CA GLU A 101 -9.10 5.97 -1.61
C GLU A 101 -8.75 4.76 -0.81
N LEU A 102 -8.63 4.92 0.49
CA LEU A 102 -8.42 3.77 1.30
C LEU A 102 -9.01 3.95 2.67
N GLU A 103 -9.15 2.86 3.38
CA GLU A 103 -9.72 2.92 4.69
C GLU A 103 -8.79 2.19 5.62
N VAL A 104 -8.43 2.79 6.74
CA VAL A 104 -7.65 2.04 7.74
C VAL A 104 -8.62 1.16 8.53
N LEU A 105 -8.42 -0.17 8.49
CA LEU A 105 -9.30 -1.11 9.18
C LEU A 105 -8.74 -1.35 10.56
N LYS A 106 -7.41 -1.42 10.65
CA LYS A 106 -6.81 -1.57 11.97
C LYS A 106 -5.58 -0.68 12.09
N SER A 107 -5.54 0.11 13.15
CA SER A 107 -4.41 1.02 13.35
C SER A 107 -3.11 0.24 13.62
N ALA A 108 -1.98 0.88 13.39
CA ALA A 108 -0.68 0.25 13.61
C ALA A 108 -0.58 -0.25 15.04
N GLU A 109 -1.15 0.51 15.97
CA GLU A 109 -1.07 0.15 17.36
C GLU A 109 -1.86 -1.11 17.65
N ALA A 110 -2.94 -1.35 16.90
CA ALA A 110 -3.78 -2.51 17.12
C ALA A 110 -3.26 -3.77 16.42
N VAL A 111 -2.33 -3.62 15.48
CA VAL A 111 -1.75 -4.78 14.79
C VAL A 111 -0.36 -5.07 15.37
N GLY A 112 0.51 -4.09 15.26
CA GLY A 112 1.74 -4.06 16.04
C GLY A 112 2.93 -4.78 15.45
N VAL A 113 2.72 -5.56 14.39
CA VAL A 113 3.80 -6.35 13.80
C VAL A 113 3.57 -6.53 12.31
N LYS A 114 4.64 -6.77 11.56
CA LYS A 114 4.53 -7.26 10.19
C LYS A 114 3.90 -8.65 10.19
N ILE A 115 2.82 -8.77 9.44
CA ILE A 115 2.06 -9.98 9.37
C ILE A 115 2.73 -10.95 8.39
N GLY A 116 2.92 -12.19 8.82
CA GLY A 116 3.49 -13.22 7.94
C GLY A 116 4.95 -12.93 7.61
N ASN A 117 5.43 -13.51 6.50
CA ASN A 117 6.80 -13.31 6.04
C ASN A 117 6.79 -13.09 4.53
N PRO A 118 6.25 -11.94 4.11
CA PRO A 118 6.13 -11.66 2.68
C PRO A 118 7.50 -11.44 2.04
N VAL A 119 7.60 -11.84 0.77
CA VAL A 119 8.81 -11.63 -0.01
C VAL A 119 8.57 -10.62 -1.12
N PRO A 120 9.62 -9.91 -1.51
CA PRO A 120 9.43 -8.89 -2.54
C PRO A 120 8.88 -9.47 -3.83
N TYR A 121 7.88 -8.77 -4.37
CA TYR A 121 7.37 -9.13 -5.68
C TYR A 121 8.40 -8.75 -6.71
N ASN A 122 8.64 -9.66 -7.65
CA ASN A 122 9.67 -9.45 -8.67
C ASN A 122 9.03 -8.87 -9.94
N GLU A 123 9.35 -7.62 -10.25
CA GLU A 123 8.99 -7.03 -11.54
C GLU A 123 7.48 -7.02 -11.82
C01 1EK B . 2.73 8.15 -17.09
C02 1EK B . 1.61 8.93 -16.77
C03 1EK B . 1.25 9.06 -15.43
C04 1EK B . 1.99 8.44 -14.42
C05 1EK B . 3.09 7.66 -14.73
C06 1EK B . 3.46 7.53 -16.07
S07 1EK B . -0.02 9.90 -14.65
C08 1EK B . 0.35 9.51 -13.06
C09 1EK B . 1.48 8.69 -13.10
C10 1EK B . -0.41 9.92 -11.84
N11 1EK B . 0.05 10.54 -10.69
C12 1EK B . -1.06 10.66 -9.90
N13 1EK B . -2.11 10.14 -10.52
N14 1EK B . -1.71 9.68 -11.71
S15 1EK B . -1.13 11.39 -8.31
C16 1EK B . -2.85 11.67 -8.07
C17 1EK B . -3.04 12.52 -6.87
O18 1EK B . -4.20 12.79 -6.46
O19 1EK B . -1.98 12.92 -6.28
C20 1EK B . 1.35 11.03 -10.34
C21 1EK B . 2.03 10.49 -9.24
C22 1EK B . 3.28 10.99 -8.91
C23 1EK B . 3.86 12.02 -9.65
C24 1EK B . 3.17 12.56 -10.75
C25 1EK B . 1.91 12.06 -11.08
CL2 1EK B . 2.24 8.02 -11.69
C01 1EK C . 6.95 9.65 -14.62
C02 1EK C . 8.18 9.55 -13.98
C03 1EK C . 8.21 9.19 -12.63
C04 1EK C . 7.03 8.95 -11.91
C05 1EK C . 5.80 9.06 -12.56
C06 1EK C . 5.77 9.41 -13.92
S07 1EK C . 9.48 8.97 -11.54
C08 1EK C . 8.62 8.54 -10.15
C09 1EK C . 7.26 8.59 -10.52
C10 1EK C . 9.34 8.30 -8.86
N11 1EK C . 9.51 7.21 -8.03
C12 1EK C . 10.31 7.66 -7.01
N13 1EK C . 10.61 8.94 -7.23
N14 1EK C . 10.03 9.32 -8.33
S15 1EK C . 10.92 6.78 -5.61
C16 1EK C . 11.88 7.99 -4.76
C17 1EK C . 13.20 7.56 -4.23
O18 1EK C . 13.97 6.90 -4.98
O19 1EK C . 13.52 7.83 -3.04
C20 1EK C . 8.99 5.90 -8.12
C21 1EK C . 8.11 5.47 -7.13
C22 1EK C . 7.62 4.17 -7.18
C23 1EK C . 8.02 3.32 -8.21
C24 1EK C . 8.91 3.75 -9.18
C25 1EK C . 9.40 5.04 -9.13
CL2 1EK C . 5.97 8.24 -9.42
#